data_7WEI
#
_entry.id   7WEI
#
_entity_poly.entity_id   1
_entity_poly.type   'polypeptide(L)'
_entity_poly.pdbx_seq_one_letter_code
;GCPPCPREHELVAVPCEGLNNCWFVEACPPC
;
_entity_poly.pdbx_strand_id   A
#
# COMPACT_ATOMS: atom_id res chain seq x y z
N GLY A 1 -0.13 2.56 -9.29
CA GLY A 1 0.02 2.22 -7.87
C GLY A 1 -0.81 1.00 -7.48
N CYS A 2 -1.78 1.22 -6.62
CA CYS A 2 -2.65 0.13 -6.18
C CYS A 2 -3.84 0.00 -7.14
N PRO A 3 -4.54 -1.14 -7.10
CA PRO A 3 -5.69 -1.40 -7.98
C PRO A 3 -6.85 -0.47 -7.66
N PRO A 4 -7.78 -0.29 -8.61
CA PRO A 4 -8.99 0.51 -8.38
C PRO A 4 -9.88 -0.13 -7.31
N CYS A 5 -10.88 0.61 -6.84
CA CYS A 5 -11.78 0.08 -5.81
C CYS A 5 -12.49 -1.17 -6.32
N PRO A 6 -12.76 -2.11 -5.42
CA PRO A 6 -12.43 -1.98 -4.00
C PRO A 6 -11.00 -2.38 -3.69
N ARG A 7 -10.48 -1.85 -2.60
CA ARG A 7 -9.15 -2.19 -2.12
C ARG A 7 -9.05 -1.81 -0.64
N GLU A 8 -8.62 -2.73 0.19
CA GLU A 8 -8.57 -2.50 1.63
C GLU A 8 -7.20 -1.99 2.05
N HIS A 9 -6.23 -2.89 2.14
CA HIS A 9 -4.87 -2.53 2.49
C HIS A 9 -3.89 -3.54 1.88
N GLU A 10 -4.00 -3.70 0.57
CA GLU A 10 -3.18 -4.66 -0.16
C GLU A 10 -1.72 -4.22 -0.17
N LEU A 11 -0.85 -5.15 0.18
CA LEU A 11 0.57 -4.87 0.29
C LEU A 11 1.26 -4.92 -1.08
N VAL A 12 0.85 -4.02 -1.97
CA VAL A 12 1.45 -3.91 -3.29
C VAL A 12 2.97 -3.75 -3.17
N ALA A 13 3.39 -2.97 -2.20
CA ALA A 13 4.79 -2.81 -1.89
C ALA A 13 5.09 -3.43 -0.54
N VAL A 14 6.23 -4.08 -0.42
CA VAL A 14 6.61 -4.74 0.82
C VAL A 14 6.98 -3.71 1.89
N PRO A 15 6.26 -3.72 3.02
CA PRO A 15 6.54 -2.79 4.11
C PRO A 15 7.90 -3.05 4.74
N CYS A 16 8.71 -2.02 4.83
CA CYS A 16 10.04 -2.15 5.41
C CYS A 16 9.94 -2.25 6.93
N GLU A 17 10.09 -3.48 7.43
CA GLU A 17 10.01 -3.76 8.86
C GLU A 17 8.76 -3.15 9.49
N GLY A 18 7.66 -3.17 8.76
CA GLY A 18 6.40 -2.68 9.28
C GLY A 18 6.10 -1.25 8.88
N LEU A 19 7.13 -0.50 8.50
CA LEU A 19 6.95 0.89 8.11
C LEU A 19 6.52 0.99 6.65
N ASN A 20 5.91 2.10 6.30
CA ASN A 20 5.36 2.29 4.98
C ASN A 20 6.10 3.39 4.21
N ASN A 21 7.28 3.75 4.69
CA ASN A 21 8.07 4.79 4.06
C ASN A 21 9.13 4.18 3.15
N CYS A 22 8.67 3.50 2.10
CA CYS A 22 9.55 2.87 1.12
C CYS A 22 8.72 2.20 0.04
N TRP A 23 7.60 2.82 -0.30
CA TRP A 23 6.66 2.25 -1.26
C TRP A 23 6.63 3.11 -2.52
N PHE A 24 6.03 2.60 -3.58
CA PHE A 24 5.75 3.41 -4.75
C PHE A 24 4.61 4.37 -4.41
N VAL A 25 3.63 3.83 -3.71
CA VAL A 25 2.55 4.62 -3.14
C VAL A 25 2.43 4.29 -1.65
N GLU A 26 2.61 5.30 -0.82
CA GLU A 26 2.67 5.08 0.63
C GLU A 26 1.30 4.75 1.22
N ALA A 27 0.99 3.45 1.25
CA ALA A 27 -0.19 2.92 1.92
C ALA A 27 -1.49 3.43 1.31
N CYS A 28 -2.04 2.67 0.38
CA CYS A 28 -3.33 2.99 -0.21
C CYS A 28 -4.45 2.66 0.77
N PRO A 29 -5.28 3.65 1.13
CA PRO A 29 -6.42 3.46 2.03
C PRO A 29 -7.57 2.74 1.33
N PRO A 30 -8.52 2.19 2.13
CA PRO A 30 -9.71 1.51 1.60
C PRO A 30 -10.45 2.35 0.56
N CYS A 31 -10.31 1.94 -0.70
CA CYS A 31 -10.90 2.64 -1.83
C CYS A 31 -10.37 4.07 -1.92
N GLY A 1 1.77 0.91 -8.16
CA GLY A 1 1.69 0.38 -6.77
C GLY A 1 0.41 -0.37 -6.53
N CYS A 2 -0.51 0.27 -5.82
CA CYS A 2 -1.79 -0.35 -5.51
C CYS A 2 -2.80 -0.10 -6.63
N PRO A 3 -3.83 -0.96 -6.72
CA PRO A 3 -4.86 -0.83 -7.74
C PRO A 3 -5.96 0.13 -7.29
N PRO A 4 -6.65 0.76 -8.25
CA PRO A 4 -7.76 1.68 -7.94
C PRO A 4 -8.94 0.97 -7.29
N CYS A 5 -9.89 1.73 -6.81
CA CYS A 5 -11.06 1.19 -6.14
C CYS A 5 -11.84 0.24 -7.06
N PRO A 6 -12.57 -0.74 -6.50
CA PRO A 6 -12.69 -0.94 -5.05
C PRO A 6 -11.55 -1.76 -4.46
N ARG A 7 -11.18 -1.42 -3.24
CA ARG A 7 -10.12 -2.13 -2.52
C ARG A 7 -10.35 -2.01 -1.02
N GLU A 8 -9.92 -3.04 -0.29
CA GLU A 8 -10.14 -3.10 1.16
C GLU A 8 -8.89 -2.67 1.92
N HIS A 9 -7.75 -3.17 1.49
CA HIS A 9 -6.47 -2.81 2.09
C HIS A 9 -5.34 -3.37 1.25
N GLU A 10 -4.48 -2.49 0.77
CA GLU A 10 -3.47 -2.90 -0.18
C GLU A 10 -2.08 -2.93 0.42
N LEU A 11 -1.37 -4.00 0.15
CA LEU A 11 -0.02 -4.22 0.63
C LEU A 11 0.80 -4.88 -0.47
N VAL A 12 0.75 -4.27 -1.65
CA VAL A 12 1.39 -4.81 -2.85
C VAL A 12 2.88 -5.06 -2.67
N ALA A 13 3.55 -4.17 -1.96
CA ALA A 13 4.98 -4.29 -1.73
C ALA A 13 5.27 -4.49 -0.26
N VAL A 14 6.48 -4.96 0.05
CA VAL A 14 6.87 -5.25 1.42
C VAL A 14 7.50 -4.01 2.06
N PRO A 15 6.93 -3.54 3.19
CA PRO A 15 7.44 -2.39 3.92
C PRO A 15 8.85 -2.60 4.45
N CYS A 16 9.68 -1.58 4.34
CA CYS A 16 11.07 -1.67 4.77
C CYS A 16 11.16 -1.70 6.28
N GLU A 17 11.37 -2.89 6.84
CA GLU A 17 11.51 -3.08 8.30
C GLU A 17 10.49 -2.26 9.10
N GLY A 18 9.26 -2.17 8.60
CA GLY A 18 8.22 -1.44 9.28
C GLY A 18 7.97 -0.06 8.68
N LEU A 19 8.97 0.47 7.99
CA LEU A 19 8.89 1.79 7.38
C LEU A 19 7.88 1.80 6.24
N ASN A 20 6.98 2.77 6.28
CA ASN A 20 5.91 2.86 5.29
C ASN A 20 6.03 4.13 4.47
N ASN A 21 6.70 4.01 3.30
CA ASN A 21 6.84 5.10 2.34
C ASN A 21 7.80 4.69 1.24
N CYS A 22 8.83 3.94 1.63
CA CYS A 22 9.88 3.50 0.72
C CYS A 22 9.34 2.70 -0.46
N TRP A 23 8.33 1.87 -0.23
CA TRP A 23 7.78 1.03 -1.28
C TRP A 23 6.76 1.77 -2.14
N PHE A 24 7.17 2.95 -2.62
CA PHE A 24 6.39 3.79 -3.53
C PHE A 24 5.20 4.43 -2.81
N VAL A 25 4.31 3.60 -2.30
CA VAL A 25 3.12 4.09 -1.60
C VAL A 25 3.10 3.59 -0.17
N GLU A 26 2.83 4.47 0.77
CA GLU A 26 2.69 4.09 2.16
C GLU A 26 1.29 3.55 2.42
N ALA A 27 1.04 2.36 1.87
CA ALA A 27 -0.27 1.71 1.94
C ALA A 27 -1.33 2.52 1.19
N CYS A 28 -2.47 1.90 0.93
CA CYS A 28 -3.53 2.56 0.19
C CYS A 28 -4.88 2.30 0.86
N PRO A 29 -5.64 3.37 1.14
CA PRO A 29 -6.88 3.30 1.91
C PRO A 29 -8.01 2.54 1.20
N PRO A 30 -8.90 1.92 1.99
CA PRO A 30 -10.06 1.18 1.47
C PRO A 30 -11.08 2.08 0.80
N CYS A 31 -11.73 1.55 -0.22
CA CYS A 31 -12.76 2.27 -0.96
C CYS A 31 -13.60 1.28 -1.75
N GLY A 1 2.15 -0.25 -9.00
CA GLY A 1 2.34 -0.29 -7.54
C GLY A 1 1.07 -0.60 -6.80
N CYS A 2 0.41 0.44 -6.31
CA CYS A 2 -0.84 0.30 -5.58
C CYS A 2 -2.01 0.14 -6.54
N PRO A 3 -2.93 -0.77 -6.19
CA PRO A 3 -4.09 -1.08 -7.03
C PRO A 3 -5.21 -0.07 -6.85
N PRO A 4 -5.88 0.31 -7.95
CA PRO A 4 -7.02 1.22 -7.90
C PRO A 4 -8.24 0.57 -7.27
N CYS A 5 -9.27 1.37 -7.01
CA CYS A 5 -10.50 0.87 -6.42
C CYS A 5 -11.13 -0.19 -7.34
N PRO A 6 -11.84 -1.19 -6.77
CA PRO A 6 -12.08 -1.30 -5.34
C PRO A 6 -10.88 -1.89 -4.58
N ARG A 7 -10.72 -1.47 -3.33
CA ARG A 7 -9.64 -1.97 -2.47
C ARG A 7 -9.96 -1.65 -1.02
N GLU A 8 -9.40 -2.43 -0.10
CA GLU A 8 -9.66 -2.24 1.32
C GLU A 8 -8.40 -1.73 2.03
N HIS A 9 -7.31 -2.45 1.87
CA HIS A 9 -6.03 -2.08 2.46
C HIS A 9 -4.94 -3.01 1.93
N GLU A 10 -4.74 -2.92 0.62
CA GLU A 10 -3.90 -3.85 -0.10
C GLU A 10 -2.42 -3.60 0.19
N LEU A 11 -1.75 -4.64 0.67
CA LEU A 11 -0.32 -4.60 0.90
C LEU A 11 0.42 -5.23 -0.27
N VAL A 12 0.22 -4.65 -1.45
CA VAL A 12 0.80 -5.19 -2.68
C VAL A 12 2.31 -5.34 -2.61
N ALA A 13 2.97 -4.38 -1.98
CA ALA A 13 4.41 -4.43 -1.80
C ALA A 13 4.75 -4.59 -0.33
N VAL A 14 5.82 -5.31 -0.05
CA VAL A 14 6.27 -5.54 1.32
C VAL A 14 6.95 -4.28 1.84
N PRO A 15 6.44 -3.70 2.95
CA PRO A 15 6.97 -2.47 3.53
C PRO A 15 8.48 -2.56 3.79
N CYS A 16 9.22 -1.60 3.27
CA CYS A 16 10.67 -1.57 3.42
C CYS A 16 11.05 -1.37 4.88
N GLU A 17 11.56 -2.43 5.50
CA GLU A 17 11.95 -2.42 6.90
C GLU A 17 10.80 -1.94 7.80
N GLY A 18 9.58 -2.17 7.35
CA GLY A 18 8.42 -1.79 8.13
C GLY A 18 8.12 -0.30 8.09
N LEU A 19 8.80 0.44 7.21
CA LEU A 19 8.56 1.87 7.09
C LEU A 19 7.31 2.14 6.26
N ASN A 20 6.86 3.38 6.33
CA ASN A 20 5.63 3.79 5.67
C ASN A 20 5.92 4.50 4.35
N ASN A 21 7.17 4.84 4.14
CA ASN A 21 7.59 5.60 2.97
C ASN A 21 8.69 4.89 2.22
N CYS A 22 8.32 4.20 1.14
CA CYS A 22 9.29 3.48 0.31
C CYS A 22 8.57 2.81 -0.86
N TRP A 23 7.44 2.21 -0.58
CA TRP A 23 6.70 1.44 -1.57
C TRP A 23 5.46 2.19 -2.02
N PHE A 24 5.67 3.43 -2.46
CA PHE A 24 4.63 4.31 -2.99
C PHE A 24 3.69 4.80 -1.89
N VAL A 25 2.94 3.89 -1.30
CA VAL A 25 1.97 4.26 -0.28
C VAL A 25 2.17 3.45 0.98
N GLU A 26 1.74 3.98 2.12
CA GLU A 26 1.74 3.22 3.36
C GLU A 26 0.44 2.46 3.49
N ALA A 27 0.33 1.40 2.68
CA ALA A 27 -0.89 0.61 2.55
C ALA A 27 -1.97 1.41 1.85
N CYS A 28 -2.59 0.81 0.85
CA CYS A 28 -3.59 1.50 0.04
C CYS A 28 -4.85 1.76 0.85
N PRO A 29 -5.24 3.04 0.96
CA PRO A 29 -6.42 3.46 1.73
C PRO A 29 -7.70 2.83 1.20
N PRO A 30 -8.63 2.50 2.11
CA PRO A 30 -9.91 1.86 1.78
C PRO A 30 -10.71 2.62 0.73
N CYS A 31 -11.13 1.89 -0.29
CA CYS A 31 -11.92 2.45 -1.37
C CYS A 31 -12.81 1.35 -1.95
N GLY A 1 2.02 0.73 -6.33
CA GLY A 1 0.92 0.65 -7.31
C GLY A 1 -0.18 -0.27 -6.85
N CYS A 2 -1.23 0.31 -6.29
CA CYS A 2 -2.38 -0.45 -5.85
C CYS A 2 -3.38 -0.56 -6.98
N PRO A 3 -4.34 -1.50 -6.88
CA PRO A 3 -5.36 -1.69 -7.90
C PRO A 3 -6.52 -0.72 -7.72
N PRO A 4 -7.24 -0.40 -8.80
CA PRO A 4 -8.43 0.47 -8.74
C PRO A 4 -9.50 -0.10 -7.83
N CYS A 5 -10.44 0.75 -7.43
CA CYS A 5 -11.54 0.33 -6.56
C CYS A 5 -12.34 -0.79 -7.22
N PRO A 6 -12.91 -1.70 -6.42
CA PRO A 6 -12.85 -1.65 -4.96
C PRO A 6 -11.52 -2.19 -4.43
N ARG A 7 -11.11 -1.68 -3.27
CA ARG A 7 -9.87 -2.12 -2.62
C ARG A 7 -9.94 -1.81 -1.13
N GLU A 8 -9.11 -2.48 -0.35
CA GLU A 8 -9.16 -2.36 1.10
C GLU A 8 -7.88 -1.77 1.66
N HIS A 9 -6.81 -2.55 1.62
CA HIS A 9 -5.54 -2.15 2.20
C HIS A 9 -4.44 -3.12 1.79
N GLU A 10 -4.43 -3.44 0.51
CA GLU A 10 -3.55 -4.48 -0.02
C GLU A 10 -2.09 -4.06 0.02
N LEU A 11 -1.26 -4.96 0.52
CA LEU A 11 0.17 -4.72 0.62
C LEU A 11 0.87 -5.19 -0.65
N VAL A 12 0.54 -4.55 -1.76
CA VAL A 12 1.14 -4.87 -3.05
C VAL A 12 2.67 -4.91 -2.95
N ALA A 13 3.23 -4.01 -2.16
CA ALA A 13 4.63 -4.08 -1.82
C ALA A 13 4.76 -4.12 -0.30
N VAL A 14 5.63 -4.99 0.20
CA VAL A 14 5.82 -5.12 1.63
C VAL A 14 6.69 -3.98 2.17
N PRO A 15 6.34 -3.47 3.35
CA PRO A 15 7.10 -2.38 3.98
C PRO A 15 8.54 -2.80 4.26
N CYS A 16 9.47 -1.98 3.78
CA CYS A 16 10.89 -2.27 3.88
C CYS A 16 11.33 -2.27 5.34
N GLU A 17 11.73 -3.44 5.83
CA GLU A 17 12.24 -3.63 7.20
C GLU A 17 11.43 -2.87 8.26
N GLY A 18 10.11 -2.86 8.09
CA GLY A 18 9.25 -2.23 9.07
C GLY A 18 9.22 -0.72 8.98
N LEU A 19 9.70 -0.18 7.86
CA LEU A 19 9.67 1.25 7.63
C LEU A 19 8.31 1.66 7.08
N ASN A 20 7.94 2.91 7.27
CA ASN A 20 6.69 3.43 6.77
C ASN A 20 6.91 4.33 5.56
N ASN A 21 6.29 3.95 4.46
CA ASN A 21 6.34 4.70 3.21
C ASN A 21 7.71 4.63 2.56
N CYS A 22 7.98 3.48 1.96
CA CYS A 22 9.20 3.27 1.19
C CYS A 22 8.85 2.58 -0.13
N TRP A 23 7.55 2.51 -0.39
CA TRP A 23 7.04 1.83 -1.57
C TRP A 23 5.98 2.70 -2.23
N PHE A 24 6.41 3.89 -2.65
CA PHE A 24 5.54 4.90 -3.26
C PHE A 24 4.59 5.49 -2.22
N VAL A 25 3.71 4.67 -1.68
CA VAL A 25 2.77 5.10 -0.65
C VAL A 25 2.66 4.02 0.42
N GLU A 26 2.54 4.44 1.68
CA GLU A 26 2.39 3.50 2.77
C GLU A 26 0.94 3.05 2.88
N ALA A 27 0.59 2.07 2.05
CA ALA A 27 -0.75 1.46 2.05
C ALA A 27 -1.81 2.43 1.54
N CYS A 28 -2.39 2.07 0.40
CA CYS A 28 -3.44 2.88 -0.21
C CYS A 28 -4.72 2.80 0.63
N PRO A 29 -5.38 3.95 0.84
CA PRO A 29 -6.60 4.03 1.64
C PRO A 29 -7.74 3.20 1.04
N PRO A 30 -8.62 2.66 1.91
CA PRO A 30 -9.73 1.79 1.50
C PRO A 30 -10.69 2.48 0.52
N CYS A 31 -11.26 1.69 -0.37
CA CYS A 31 -12.19 2.19 -1.36
C CYS A 31 -13.25 1.14 -1.63
N GLY A 1 0.44 2.95 -8.92
CA GLY A 1 -0.57 3.04 -7.84
C GLY A 1 -1.36 1.77 -7.71
N CYS A 2 -2.04 1.63 -6.59
CA CYS A 2 -2.91 0.49 -6.33
C CYS A 2 -4.12 0.52 -7.28
N PRO A 3 -4.83 -0.61 -7.39
CA PRO A 3 -6.00 -0.73 -8.25
C PRO A 3 -7.18 0.07 -7.68
N PRO A 4 -8.15 0.45 -8.54
CA PRO A 4 -9.36 1.15 -8.10
C PRO A 4 -10.15 0.37 -7.06
N CYS A 5 -11.02 1.08 -6.34
CA CYS A 5 -11.86 0.47 -5.32
C CYS A 5 -12.76 -0.61 -5.92
N PRO A 6 -13.15 -1.62 -5.13
CA PRO A 6 -12.83 -1.71 -3.70
C PRO A 6 -11.44 -2.26 -3.44
N ARG A 7 -10.80 -1.76 -2.39
CA ARG A 7 -9.48 -2.20 -2.01
C ARG A 7 -9.26 -1.93 -0.53
N GLU A 8 -8.56 -2.82 0.15
CA GLU A 8 -8.26 -2.64 1.56
C GLU A 8 -6.88 -2.04 1.72
N HIS A 9 -5.91 -2.70 1.12
CA HIS A 9 -4.53 -2.25 1.12
C HIS A 9 -3.68 -3.26 0.35
N GLU A 10 -3.01 -2.79 -0.68
CA GLU A 10 -2.19 -3.68 -1.49
C GLU A 10 -0.77 -3.67 -0.98
N LEU A 11 -0.31 -4.83 -0.54
CA LEU A 11 1.05 -4.96 -0.02
C LEU A 11 2.02 -5.27 -1.16
N VAL A 12 1.80 -4.64 -2.30
CA VAL A 12 2.66 -4.81 -3.45
C VAL A 12 4.07 -4.32 -3.11
N ALA A 13 4.10 -3.23 -2.38
CA ALA A 13 5.33 -2.71 -1.81
C ALA A 13 5.46 -3.20 -0.37
N VAL A 14 6.39 -4.12 -0.15
CA VAL A 14 6.59 -4.70 1.17
C VAL A 14 6.98 -3.65 2.19
N PRO A 15 6.15 -3.42 3.22
CA PRO A 15 6.44 -2.47 4.28
C PRO A 15 7.58 -2.97 5.16
N CYS A 16 8.57 -2.12 5.36
CA CYS A 16 9.70 -2.46 6.22
C CYS A 16 9.34 -2.27 7.67
N GLU A 17 9.23 -3.39 8.39
CA GLU A 17 8.88 -3.40 9.80
C GLU A 17 7.55 -2.68 10.05
N GLY A 18 6.65 -2.80 9.08
CA GLY A 18 5.33 -2.21 9.21
C GLY A 18 5.30 -0.72 8.88
N LEU A 19 6.45 -0.16 8.56
CA LEU A 19 6.53 1.27 8.25
C LEU A 19 6.16 1.55 6.80
N ASN A 20 5.72 2.76 6.56
CA ASN A 20 5.29 3.18 5.22
C ASN A 20 6.42 3.86 4.47
N ASN A 21 7.64 3.37 4.70
CA ASN A 21 8.83 3.96 4.10
C ASN A 21 9.17 3.29 2.78
N CYS A 22 9.27 1.97 2.81
CA CYS A 22 9.69 1.19 1.64
C CYS A 22 8.53 1.00 0.66
N TRP A 23 8.03 2.10 0.13
CA TRP A 23 6.92 2.06 -0.81
C TRP A 23 7.28 2.81 -2.08
N PHE A 24 7.13 2.16 -3.23
CA PHE A 24 7.34 2.80 -4.51
C PHE A 24 6.03 3.42 -4.99
N VAL A 25 4.97 3.17 -4.23
CA VAL A 25 3.66 3.74 -4.51
C VAL A 25 3.08 4.33 -3.22
N GLU A 26 2.10 5.21 -3.36
CA GLU A 26 1.44 5.77 -2.20
C GLU A 26 0.56 4.73 -1.54
N ALA A 27 0.71 4.59 -0.23
CA ALA A 27 -0.04 3.60 0.54
C ALA A 27 -1.54 3.81 0.37
N CYS A 28 -2.17 2.90 -0.34
CA CYS A 28 -3.58 3.00 -0.66
C CYS A 28 -4.45 2.59 0.53
N PRO A 29 -5.32 3.51 1.00
CA PRO A 29 -6.23 3.25 2.10
C PRO A 29 -7.47 2.47 1.64
N PRO A 30 -8.16 1.82 2.59
CA PRO A 30 -9.35 1.02 2.30
C PRO A 30 -10.51 1.84 1.75
N CYS A 31 -11.17 1.31 0.73
CA CYS A 31 -12.33 1.94 0.14
C CYS A 31 -13.24 0.86 -0.44
N GLY A 1 3.64 -0.87 -5.38
CA GLY A 1 2.59 0.06 -4.90
C GLY A 1 1.23 -0.60 -4.85
N CYS A 2 0.36 -0.04 -4.03
CA CYS A 2 -1.00 -0.54 -3.88
C CYS A 2 -1.79 -0.37 -5.19
N PRO A 3 -2.80 -1.23 -5.40
CA PRO A 3 -3.61 -1.21 -6.61
C PRO A 3 -4.64 -0.07 -6.60
N PRO A 4 -5.07 0.38 -7.79
CA PRO A 4 -6.08 1.42 -7.92
C PRO A 4 -7.47 0.95 -7.50
N CYS A 5 -8.36 1.89 -7.21
CA CYS A 5 -9.71 1.60 -6.77
C CYS A 5 -10.46 0.77 -7.83
N PRO A 6 -11.40 -0.07 -7.40
CA PRO A 6 -11.75 -0.26 -5.99
C PRO A 6 -10.75 -1.17 -5.28
N ARG A 7 -10.45 -0.87 -4.03
CA ARG A 7 -9.50 -1.67 -3.27
C ARG A 7 -9.85 -1.70 -1.80
N GLU A 8 -9.13 -2.56 -1.10
CA GLU A 8 -9.09 -2.53 0.34
C GLU A 8 -7.75 -1.88 0.73
N HIS A 9 -7.27 -2.19 1.92
CA HIS A 9 -5.97 -1.69 2.36
C HIS A 9 -4.95 -2.81 2.19
N GLU A 10 -4.90 -3.32 0.96
CA GLU A 10 -4.19 -4.55 0.64
C GLU A 10 -2.69 -4.41 0.87
N LEU A 11 -2.14 -5.33 1.63
CA LEU A 11 -0.72 -5.37 1.90
C LEU A 11 -0.01 -6.16 0.79
N VAL A 12 -0.11 -5.67 -0.43
CA VAL A 12 0.44 -6.34 -1.60
C VAL A 12 1.97 -6.44 -1.53
N ALA A 13 2.60 -5.39 -1.01
CA ALA A 13 4.05 -5.35 -0.91
C ALA A 13 4.49 -5.10 0.52
N VAL A 14 5.67 -5.60 0.85
CA VAL A 14 6.23 -5.39 2.18
C VAL A 14 6.97 -4.05 2.22
N PRO A 15 6.65 -3.21 3.22
CA PRO A 15 7.31 -1.92 3.41
C PRO A 15 8.83 -2.06 3.42
N CYS A 16 9.49 -1.27 2.59
CA CYS A 16 10.92 -1.41 2.35
C CYS A 16 11.74 -1.20 3.62
N GLU A 17 12.21 -2.30 4.20
CA GLU A 17 13.10 -2.28 5.36
C GLU A 17 12.59 -1.36 6.47
N GLY A 18 11.28 -1.37 6.70
CA GLY A 18 10.71 -0.56 7.75
C GLY A 18 10.13 0.76 7.24
N LEU A 19 10.54 1.16 6.04
CA LEU A 19 10.06 2.41 5.45
C LEU A 19 8.57 2.34 5.15
N ASN A 20 7.79 3.06 5.95
CA ASN A 20 6.34 3.02 5.87
C ASN A 20 5.80 4.01 4.84
N ASN A 21 6.48 4.08 3.70
CA ASN A 21 6.01 4.89 2.57
C ASN A 21 6.92 4.66 1.37
N CYS A 22 7.26 3.39 1.15
CA CYS A 22 8.10 3.02 0.02
C CYS A 22 7.26 2.47 -1.11
N TRP A 23 6.11 1.92 -0.78
CA TRP A 23 5.23 1.31 -1.76
C TRP A 23 4.02 2.19 -2.01
N PHE A 24 4.29 3.40 -2.52
CA PHE A 24 3.28 4.42 -2.78
C PHE A 24 2.73 4.98 -1.47
N VAL A 25 1.90 4.20 -0.79
CA VAL A 25 1.36 4.58 0.51
C VAL A 25 1.37 3.34 1.41
N GLU A 26 1.73 3.55 2.67
CA GLU A 26 1.75 2.45 3.63
C GLU A 26 0.34 1.97 3.90
N ALA A 27 -0.03 0.89 3.21
CA ALA A 27 -1.38 0.31 3.30
C ALA A 27 -2.42 1.35 2.91
N CYS A 28 -2.67 1.44 1.61
CA CYS A 28 -3.56 2.43 1.06
C CYS A 28 -5.00 2.16 1.46
N PRO A 29 -5.67 3.18 2.02
CA PRO A 29 -7.07 3.08 2.46
C PRO A 29 -8.00 2.59 1.36
N PRO A 30 -9.02 1.78 1.74
CA PRO A 30 -10.02 1.28 0.81
C PRO A 30 -10.81 2.40 0.15
N CYS A 31 -11.19 2.20 -1.09
CA CYS A 31 -11.95 3.18 -1.83
C CYS A 31 -13.03 2.50 -2.66
N GLY A 1 1.48 0.92 -7.73
CA GLY A 1 1.03 0.84 -6.33
C GLY A 1 -0.28 0.11 -6.18
N CYS A 2 -1.24 0.73 -5.53
CA CYS A 2 -2.54 0.11 -5.31
C CYS A 2 -3.42 0.23 -6.54
N PRO A 3 -4.25 -0.79 -6.79
CA PRO A 3 -5.16 -0.81 -7.94
C PRO A 3 -6.40 0.03 -7.69
N PRO A 4 -7.11 0.42 -8.76
CA PRO A 4 -8.33 1.23 -8.64
C PRO A 4 -9.41 0.54 -7.83
N CYS A 5 -10.35 1.31 -7.32
CA CYS A 5 -11.43 0.78 -6.49
C CYS A 5 -12.26 -0.23 -7.28
N PRO A 6 -12.81 -1.25 -6.60
CA PRO A 6 -12.74 -1.38 -5.15
C PRO A 6 -11.41 -1.92 -4.65
N ARG A 7 -11.06 -1.53 -3.43
CA ARG A 7 -9.85 -2.02 -2.77
C ARG A 7 -9.99 -1.79 -1.27
N GLU A 8 -9.10 -2.39 -0.48
CA GLU A 8 -9.25 -2.33 0.97
C GLU A 8 -7.94 -1.91 1.65
N HIS A 9 -7.05 -2.86 1.83
CA HIS A 9 -5.81 -2.60 2.55
C HIS A 9 -4.63 -3.09 1.72
N GLU A 10 -4.49 -2.52 0.55
CA GLU A 10 -3.53 -2.98 -0.44
C GLU A 10 -2.10 -2.93 0.09
N LEU A 11 -1.45 -4.08 0.11
CA LEU A 11 -0.07 -4.20 0.53
C LEU A 11 0.74 -4.81 -0.60
N VAL A 12 0.74 -4.11 -1.74
CA VAL A 12 1.42 -4.57 -2.95
C VAL A 12 2.89 -4.88 -2.69
N ALA A 13 3.52 -4.05 -1.87
CA ALA A 13 4.89 -4.28 -1.48
C ALA A 13 5.01 -4.28 0.04
N VAL A 14 5.98 -5.01 0.55
CA VAL A 14 6.18 -5.08 2.00
C VAL A 14 7.13 -3.97 2.46
N PRO A 15 6.72 -3.22 3.49
CA PRO A 15 7.53 -2.13 4.05
C PRO A 15 8.87 -2.62 4.55
N CYS A 16 9.90 -1.80 4.37
CA CYS A 16 11.25 -2.18 4.72
C CYS A 16 11.48 -2.02 6.21
N GLU A 17 11.48 -3.14 6.95
CA GLU A 17 11.68 -3.17 8.40
C GLU A 17 10.91 -2.05 9.13
N GLY A 18 9.68 -1.81 8.68
CA GLY A 18 8.85 -0.79 9.31
C GLY A 18 8.77 0.49 8.50
N LEU A 19 9.75 0.69 7.63
CA LEU A 19 9.79 1.87 6.77
C LEU A 19 8.66 1.85 5.76
N ASN A 20 7.69 2.74 5.95
CA ASN A 20 6.51 2.79 5.11
C ASN A 20 6.78 3.60 3.84
N ASN A 21 7.89 4.29 3.82
CA ASN A 21 8.31 5.05 2.65
C ASN A 21 9.48 4.34 1.99
N CYS A 22 9.30 3.06 1.74
CA CYS A 22 10.31 2.26 1.06
C CYS A 22 9.69 1.56 -0.13
N TRP A 23 8.41 1.84 -0.37
CA TRP A 23 7.68 1.23 -1.47
C TRP A 23 6.65 2.21 -2.02
N PHE A 24 7.10 3.46 -2.16
CA PHE A 24 6.31 4.55 -2.73
C PHE A 24 5.16 4.94 -1.80
N VAL A 25 4.06 4.20 -1.84
CA VAL A 25 2.90 4.52 -1.03
C VAL A 25 2.80 3.60 0.18
N GLU A 26 2.40 4.16 1.31
CA GLU A 26 2.21 3.37 2.51
C GLU A 26 0.77 2.86 2.59
N ALA A 27 0.49 1.90 1.72
CA ALA A 27 -0.85 1.29 1.60
C ALA A 27 -1.88 2.30 1.09
N CYS A 28 -3.06 1.81 0.77
CA CYS A 28 -4.13 2.67 0.28
C CYS A 28 -5.43 2.31 0.98
N PRO A 29 -6.18 3.33 1.43
CA PRO A 29 -7.43 3.14 2.20
C PRO A 29 -8.53 2.48 1.38
N PRO A 30 -9.41 1.73 2.05
CA PRO A 30 -10.53 1.03 1.41
C PRO A 30 -11.48 1.95 0.65
N CYS A 31 -11.91 1.50 -0.51
CA CYS A 31 -12.84 2.24 -1.35
C CYS A 31 -13.64 1.27 -2.19
N GLY A 1 -0.52 4.47 -9.64
CA GLY A 1 -0.36 4.72 -8.19
C GLY A 1 -1.19 3.77 -7.36
N CYS A 2 -2.15 4.32 -6.65
CA CYS A 2 -3.06 3.53 -5.85
C CYS A 2 -4.15 2.91 -6.72
N PRO A 3 -4.53 1.66 -6.44
CA PRO A 3 -5.54 0.94 -7.22
C PRO A 3 -6.94 1.44 -6.89
N PRO A 4 -7.78 1.68 -7.89
CA PRO A 4 -9.15 2.14 -7.67
C PRO A 4 -10.01 1.09 -6.95
N CYS A 5 -11.17 1.52 -6.50
CA CYS A 5 -12.07 0.65 -5.75
C CYS A 5 -12.62 -0.48 -6.62
N PRO A 6 -12.93 -1.63 -6.02
CA PRO A 6 -12.77 -1.84 -4.58
C PRO A 6 -11.33 -2.19 -4.20
N ARG A 7 -10.91 -1.77 -3.02
CA ARG A 7 -9.55 -2.05 -2.56
C ARG A 7 -9.48 -2.05 -1.05
N GLU A 8 -8.58 -2.86 -0.52
CA GLU A 8 -8.31 -2.88 0.91
C GLU A 8 -6.95 -2.23 1.17
N HIS A 9 -5.91 -2.85 0.62
CA HIS A 9 -4.55 -2.35 0.71
C HIS A 9 -3.61 -3.33 0.03
N GLU A 10 -2.71 -2.82 -0.80
CA GLU A 10 -1.81 -3.70 -1.52
C GLU A 10 -0.71 -4.21 -0.60
N LEU A 11 -0.51 -5.51 -0.62
CA LEU A 11 0.49 -6.16 0.20
C LEU A 11 1.53 -6.83 -0.68
N VAL A 12 1.56 -6.40 -1.94
CA VAL A 12 2.53 -6.89 -2.91
C VAL A 12 3.96 -6.65 -2.43
N ALA A 13 4.16 -5.51 -1.81
CA ALA A 13 5.46 -5.15 -1.26
C ALA A 13 5.43 -5.18 0.25
N VAL A 14 6.59 -5.43 0.85
CA VAL A 14 6.70 -5.53 2.30
C VAL A 14 7.09 -4.18 2.90
N PRO A 15 6.22 -3.59 3.73
CA PRO A 15 6.51 -2.33 4.42
C PRO A 15 7.77 -2.43 5.25
N CYS A 16 8.69 -1.51 5.05
CA CYS A 16 9.98 -1.54 5.73
C CYS A 16 9.80 -1.19 7.20
N GLU A 17 9.83 -2.19 8.06
CA GLU A 17 9.72 -2.02 9.50
C GLU A 17 8.48 -1.20 9.87
N GLY A 18 7.42 -1.37 9.09
CA GLY A 18 6.17 -0.66 9.35
C GLY A 18 6.05 0.65 8.58
N LEU A 19 7.13 1.06 7.93
CA LEU A 19 7.14 2.30 7.17
C LEU A 19 6.36 2.13 5.87
N ASN A 20 5.73 3.18 5.40
CA ASN A 20 4.95 3.13 4.18
C ASN A 20 5.54 4.06 3.13
N ASN A 21 6.83 4.32 3.22
CA ASN A 21 7.52 5.18 2.27
C ASN A 21 8.83 4.54 1.84
N CYS A 22 8.72 3.44 1.09
CA CYS A 22 9.89 2.72 0.60
C CYS A 22 9.51 1.56 -0.31
N TRP A 23 8.25 1.50 -0.73
CA TRP A 23 7.79 0.41 -1.57
C TRP A 23 6.73 0.86 -2.55
N PHE A 24 7.09 1.85 -3.37
CA PHE A 24 6.26 2.34 -4.47
C PHE A 24 5.04 3.11 -3.97
N VAL A 25 4.06 2.38 -3.44
CA VAL A 25 2.83 3.01 -2.95
C VAL A 25 2.89 3.19 -1.44
N GLU A 26 2.34 4.29 -0.97
CA GLU A 26 2.38 4.59 0.45
C GLU A 26 1.08 4.14 1.13
N ALA A 27 0.94 2.83 1.26
CA ALA A 27 -0.20 2.20 1.94
C ALA A 27 -1.53 2.82 1.51
N CYS A 28 -2.06 2.35 0.40
CA CYS A 28 -3.31 2.89 -0.14
C CYS A 28 -4.48 2.48 0.75
N PRO A 29 -5.21 3.47 1.30
CA PRO A 29 -6.31 3.22 2.23
C PRO A 29 -7.53 2.59 1.56
N PRO A 30 -8.25 1.74 2.30
CA PRO A 30 -9.42 1.03 1.79
C PRO A 30 -10.60 1.96 1.54
N CYS A 31 -11.53 1.53 0.69
CA CYS A 31 -12.71 2.31 0.40
C CYS A 31 -13.95 1.44 0.53
N GLY A 1 0.69 -0.30 -10.30
CA GLY A 1 1.13 -0.60 -8.91
C GLY A 1 0.00 -1.13 -8.07
N CYS A 2 -0.73 -0.20 -7.47
CA CYS A 2 -1.88 -0.55 -6.65
C CYS A 2 -3.14 -0.59 -7.51
N PRO A 3 -4.10 -1.44 -7.14
CA PRO A 3 -5.34 -1.57 -7.89
C PRO A 3 -6.37 -0.52 -7.49
N PRO A 4 -7.05 0.08 -8.47
CA PRO A 4 -8.10 1.06 -8.22
C PRO A 4 -9.25 0.45 -7.40
N CYS A 5 -10.14 1.31 -6.92
CA CYS A 5 -11.27 0.87 -6.11
C CYS A 5 -12.09 -0.18 -6.84
N PRO A 6 -12.70 -1.12 -6.11
CA PRO A 6 -12.64 -1.17 -4.65
C PRO A 6 -11.38 -1.87 -4.14
N ARG A 7 -11.10 -1.68 -2.86
CA ARG A 7 -9.93 -2.28 -2.20
C ARG A 7 -10.00 -2.02 -0.70
N GLU A 8 -9.16 -2.71 0.06
CA GLU A 8 -9.15 -2.55 1.52
C GLU A 8 -7.80 -2.08 2.01
N HIS A 9 -6.84 -2.98 2.05
CA HIS A 9 -5.51 -2.65 2.50
C HIS A 9 -4.49 -3.43 1.67
N GLU A 10 -4.01 -2.79 0.62
CA GLU A 10 -3.14 -3.45 -0.33
C GLU A 10 -1.68 -3.29 0.08
N LEU A 11 -1.00 -4.41 0.22
CA LEU A 11 0.41 -4.40 0.56
C LEU A 11 1.26 -4.50 -0.70
N VAL A 12 0.97 -3.60 -1.64
CA VAL A 12 1.66 -3.58 -2.93
C VAL A 12 3.15 -3.30 -2.74
N ALA A 13 3.45 -2.42 -1.81
CA ALA A 13 4.82 -2.13 -1.45
C ALA A 13 5.13 -2.72 -0.09
N VAL A 14 6.05 -3.67 -0.06
CA VAL A 14 6.39 -4.34 1.19
C VAL A 14 7.27 -3.46 2.05
N PRO A 15 6.86 -3.23 3.31
CA PRO A 15 7.55 -2.33 4.21
C PRO A 15 8.90 -2.88 4.69
N CYS A 16 9.95 -2.09 4.52
CA CYS A 16 11.27 -2.45 5.00
C CYS A 16 11.28 -2.45 6.52
N GLU A 17 11.44 -3.64 7.09
CA GLU A 17 11.40 -3.83 8.54
C GLU A 17 10.10 -3.30 9.14
N GLY A 18 9.05 -3.29 8.34
CA GLY A 18 7.76 -2.83 8.82
C GLY A 18 7.63 -1.32 8.83
N LEU A 19 8.60 -0.63 8.25
CA LEU A 19 8.58 0.82 8.19
C LEU A 19 7.85 1.31 6.94
N ASN A 20 7.36 2.53 7.02
CA ASN A 20 6.55 3.10 5.94
C ASN A 20 7.42 3.94 5.01
N ASN A 21 8.62 3.45 4.75
CA ASN A 21 9.57 4.16 3.91
C ASN A 21 9.55 3.64 2.48
N CYS A 22 9.67 2.32 2.34
CA CYS A 22 9.80 1.69 1.04
C CYS A 22 8.44 1.49 0.38
N TRP A 23 7.74 2.59 0.13
CA TRP A 23 6.40 2.53 -0.46
C TRP A 23 6.29 3.50 -1.63
N PHE A 24 6.18 2.97 -2.85
CA PHE A 24 5.86 3.79 -4.02
C PHE A 24 4.48 4.40 -3.81
N VAL A 25 3.55 3.57 -3.41
CA VAL A 25 2.24 4.01 -3.00
C VAL A 25 2.12 3.89 -1.50
N GLU A 26 2.06 5.02 -0.80
CA GLU A 26 2.03 5.02 0.66
C GLU A 26 0.68 4.53 1.18
N ALA A 27 0.49 3.22 1.09
CA ALA A 27 -0.73 2.56 1.54
C ALA A 27 -1.92 2.91 0.66
N CYS A 28 -2.74 1.93 0.36
CA CYS A 28 -3.93 2.15 -0.45
C CYS A 28 -5.17 1.96 0.40
N PRO A 29 -5.80 3.08 0.78
CA PRO A 29 -6.96 3.08 1.68
C PRO A 29 -8.20 2.45 1.04
N PRO A 30 -9.09 1.90 1.88
CA PRO A 30 -10.36 1.34 1.41
C PRO A 30 -11.29 2.42 0.90
N CYS A 31 -11.76 2.25 -0.32
CA CYS A 31 -12.63 3.24 -0.92
C CYS A 31 -14.06 3.06 -0.40
N GLY A 1 -0.97 4.91 -8.74
CA GLY A 1 -2.07 4.07 -9.24
C GLY A 1 -2.12 2.72 -8.56
N CYS A 2 -2.95 2.62 -7.56
CA CYS A 2 -3.20 1.36 -6.88
C CYS A 2 -4.38 0.65 -7.56
N PRO A 3 -4.57 -0.65 -7.29
CA PRO A 3 -5.69 -1.41 -7.85
C PRO A 3 -7.02 -0.73 -7.52
N PRO A 4 -7.90 -0.60 -8.52
CA PRO A 4 -9.19 0.09 -8.36
C PRO A 4 -10.10 -0.62 -7.37
N CYS A 5 -11.06 0.13 -6.83
CA CYS A 5 -12.02 -0.40 -5.88
C CYS A 5 -12.74 -1.61 -6.47
N PRO A 6 -13.12 -2.60 -5.63
CA PRO A 6 -12.93 -2.55 -4.18
C PRO A 6 -11.51 -2.94 -3.73
N ARG A 7 -11.07 -2.33 -2.64
CA ARG A 7 -9.78 -2.65 -2.04
C ARG A 7 -9.79 -2.27 -0.57
N GLU A 8 -9.17 -3.10 0.27
CA GLU A 8 -9.17 -2.86 1.70
C GLU A 8 -7.95 -2.07 2.14
N HIS A 9 -6.75 -2.59 1.86
CA HIS A 9 -5.50 -1.92 2.23
C HIS A 9 -4.33 -2.49 1.44
N GLU A 10 -4.27 -2.17 0.16
CA GLU A 10 -3.27 -2.72 -0.73
C GLU A 10 -1.86 -2.36 -0.28
N LEU A 11 -1.04 -3.38 -0.12
CA LEU A 11 0.33 -3.21 0.30
C LEU A 11 1.29 -3.63 -0.81
N VAL A 12 1.16 -2.93 -1.94
CA VAL A 12 1.96 -3.22 -3.13
C VAL A 12 3.45 -3.28 -2.80
N ALA A 13 3.88 -2.36 -1.95
CA ALA A 13 5.24 -2.33 -1.48
C ALA A 13 5.33 -2.98 -0.10
N VAL A 14 6.07 -4.07 -0.01
CA VAL A 14 6.24 -4.78 1.25
C VAL A 14 7.06 -3.93 2.21
N PRO A 15 6.49 -3.58 3.37
CA PRO A 15 7.16 -2.73 4.36
C PRO A 15 8.44 -3.36 4.88
N CYS A 16 9.53 -2.60 4.82
CA CYS A 16 10.80 -3.07 5.36
C CYS A 16 10.70 -3.16 6.87
N GLU A 17 10.60 -4.38 7.38
CA GLU A 17 10.46 -4.62 8.80
C GLU A 17 9.34 -3.79 9.41
N GLY A 18 8.26 -3.64 8.66
CA GLY A 18 7.09 -2.93 9.16
C GLY A 18 7.14 -1.44 8.93
N LEU A 19 8.26 -0.93 8.42
CA LEU A 19 8.42 0.51 8.20
C LEU A 19 7.63 0.96 6.97
N ASN A 20 7.14 2.18 7.01
CA ASN A 20 6.29 2.70 5.95
C ASN A 20 7.04 3.71 5.08
N ASN A 21 8.34 3.51 4.94
CA ASN A 21 9.16 4.43 4.18
C ASN A 21 9.46 3.90 2.78
N CYS A 22 9.85 2.63 2.70
CA CYS A 22 10.21 2.01 1.43
C CYS A 22 8.96 1.59 0.65
N TRP A 23 8.16 2.56 0.26
CA TRP A 23 6.91 2.30 -0.45
C TRP A 23 6.85 3.11 -1.74
N PHE A 24 6.63 2.42 -2.85
CA PHE A 24 6.35 3.06 -4.13
C PHE A 24 5.10 3.92 -4.01
N VAL A 25 4.11 3.38 -3.32
CA VAL A 25 2.92 4.11 -2.94
C VAL A 25 2.72 3.97 -1.44
N GLU A 26 2.55 5.10 -0.75
CA GLU A 26 2.49 5.10 0.71
C GLU A 26 1.13 4.63 1.23
N ALA A 27 0.90 3.32 1.13
CA ALA A 27 -0.31 2.67 1.64
C ALA A 27 -1.55 3.13 0.87
N CYS A 28 -2.08 2.25 0.03
CA CYS A 28 -3.25 2.57 -0.76
C CYS A 28 -4.50 2.64 0.11
N PRO A 29 -5.21 3.77 0.07
CA PRO A 29 -6.41 3.99 0.90
C PRO A 29 -7.53 3.01 0.59
N PRO A 30 -8.26 2.57 1.63
CA PRO A 30 -9.40 1.66 1.47
C PRO A 30 -10.52 2.25 0.62
N CYS A 31 -11.11 1.42 -0.22
CA CYS A 31 -12.17 1.85 -1.10
C CYS A 31 -13.13 0.69 -1.34
N GLY A 1 1.46 -0.37 -9.01
CA GLY A 1 0.98 0.18 -7.72
C GLY A 1 -0.24 -0.53 -7.21
N CYS A 2 -1.13 0.22 -6.58
CA CYS A 2 -2.37 -0.33 -6.05
C CYS A 2 -3.48 -0.27 -7.08
N PRO A 3 -4.41 -1.24 -7.05
CA PRO A 3 -5.51 -1.32 -8.00
C PRO A 3 -6.68 -0.41 -7.58
N PRO A 4 -7.49 0.02 -8.55
CA PRO A 4 -8.69 0.83 -8.28
C PRO A 4 -9.71 0.08 -7.42
N CYS A 5 -10.74 0.78 -7.00
CA CYS A 5 -11.76 0.21 -6.12
C CYS A 5 -12.44 -0.99 -6.77
N PRO A 6 -12.88 -1.98 -5.96
CA PRO A 6 -12.76 -1.94 -4.51
C PRO A 6 -11.40 -2.42 -4.01
N ARG A 7 -11.11 -2.11 -2.75
CA ARG A 7 -9.86 -2.53 -2.12
C ARG A 7 -9.94 -2.25 -0.62
N GLU A 8 -9.39 -3.15 0.18
CA GLU A 8 -9.45 -3.04 1.63
C GLU A 8 -8.22 -2.29 2.15
N HIS A 9 -7.05 -2.82 1.84
CA HIS A 9 -5.79 -2.23 2.22
C HIS A 9 -4.68 -2.91 1.44
N GLU A 10 -3.79 -2.13 0.85
CA GLU A 10 -2.83 -2.69 -0.08
C GLU A 10 -1.45 -2.81 0.53
N LEU A 11 -0.88 -3.98 0.37
CA LEU A 11 0.49 -4.25 0.79
C LEU A 11 1.35 -4.54 -0.43
N VAL A 12 0.94 -3.98 -1.57
CA VAL A 12 1.65 -4.14 -2.84
C VAL A 12 3.11 -3.68 -2.70
N ALA A 13 3.29 -2.60 -1.94
CA ALA A 13 4.62 -2.14 -1.60
C ALA A 13 5.05 -2.76 -0.28
N VAL A 14 6.09 -3.59 -0.33
CA VAL A 14 6.53 -4.31 0.86
C VAL A 14 7.29 -3.40 1.80
N PRO A 15 6.87 -3.38 3.08
CA PRO A 15 7.54 -2.59 4.12
C PRO A 15 8.90 -3.19 4.49
N CYS A 16 9.92 -2.36 4.51
CA CYS A 16 11.25 -2.80 4.92
C CYS A 16 11.25 -3.12 6.41
N GLU A 17 11.21 -4.41 6.74
CA GLU A 17 11.11 -4.91 8.12
C GLU A 17 10.08 -4.13 8.94
N GLY A 18 8.98 -3.73 8.31
CA GLY A 18 7.93 -3.04 9.02
C GLY A 18 7.94 -1.53 8.78
N LEU A 19 8.99 -1.03 8.15
CA LEU A 19 9.11 0.40 7.89
C LEU A 19 8.12 0.85 6.82
N ASN A 20 7.66 2.07 6.98
CA ASN A 20 6.60 2.61 6.13
C ASN A 20 7.10 3.80 5.34
N ASN A 21 8.36 3.74 4.93
CA ASN A 21 8.96 4.81 4.15
C ASN A 21 9.32 4.35 2.75
N CYS A 22 9.69 3.07 2.63
CA CYS A 22 10.07 2.51 1.34
C CYS A 22 8.84 2.01 0.58
N TRP A 23 7.90 2.91 0.36
CA TRP A 23 6.64 2.57 -0.31
C TRP A 23 6.44 3.45 -1.53
N PHE A 24 6.33 2.83 -2.70
CA PHE A 24 5.98 3.55 -3.92
C PHE A 24 4.59 4.15 -3.75
N VAL A 25 3.71 3.39 -3.13
CA VAL A 25 2.39 3.86 -2.78
C VAL A 25 2.19 3.69 -1.28
N GLU A 26 2.12 4.82 -0.58
CA GLU A 26 2.07 4.82 0.88
C GLU A 26 0.69 4.42 1.39
N ALA A 27 0.43 3.10 1.36
CA ALA A 27 -0.82 2.54 1.87
C ALA A 27 -2.05 3.18 1.23
N CYS A 28 -2.46 2.66 0.09
CA CYS A 28 -3.60 3.20 -0.65
C CYS A 28 -4.89 2.95 0.13
N PRO A 29 -5.67 4.01 0.34
CA PRO A 29 -6.89 3.96 1.17
C PRO A 29 -7.97 3.07 0.58
N PRO A 30 -8.76 2.41 1.45
CA PRO A 30 -9.86 1.53 1.04
C PRO A 30 -10.99 2.28 0.34
N CYS A 31 -11.83 1.55 -0.36
CA CYS A 31 -12.97 2.14 -1.06
C CYS A 31 -14.28 1.62 -0.50
N GLY A 1 3.88 -0.68 -5.61
CA GLY A 1 2.74 0.19 -5.22
C GLY A 1 1.47 -0.60 -5.02
N CYS A 2 0.55 -0.01 -4.27
CA CYS A 2 -0.75 -0.63 -4.02
C CYS A 2 -1.58 -0.68 -5.29
N PRO A 3 -2.51 -1.65 -5.38
CA PRO A 3 -3.34 -1.84 -6.56
C PRO A 3 -4.50 -0.85 -6.63
N PRO A 4 -5.03 -0.60 -7.82
CA PRO A 4 -6.13 0.36 -8.02
C PRO A 4 -7.44 -0.13 -7.40
N CYS A 5 -8.38 0.79 -7.25
CA CYS A 5 -9.68 0.49 -6.66
C CYS A 5 -10.45 -0.50 -7.54
N PRO A 6 -11.31 -1.34 -6.94
CA PRO A 6 -11.61 -1.33 -5.51
C PRO A 6 -10.50 -1.96 -4.66
N ARG A 7 -10.31 -1.43 -3.47
CA ARG A 7 -9.32 -1.93 -2.53
C ARG A 7 -9.69 -1.52 -1.13
N GLU A 8 -9.21 -2.25 -0.14
CA GLU A 8 -9.44 -1.90 1.26
C GLU A 8 -8.15 -1.43 1.89
N HIS A 9 -7.10 -2.23 1.72
CA HIS A 9 -5.77 -1.90 2.24
C HIS A 9 -4.76 -2.94 1.77
N GLU A 10 -4.84 -3.28 0.48
CA GLU A 10 -4.05 -4.37 -0.08
C GLU A 10 -2.57 -4.07 0.03
N LEU A 11 -1.86 -4.86 0.81
CA LEU A 11 -0.44 -4.67 1.03
C LEU A 11 0.38 -5.61 0.15
N VAL A 12 -0.03 -5.72 -1.12
CA VAL A 12 0.70 -6.50 -2.10
C VAL A 12 2.13 -5.97 -2.22
N ALA A 13 2.22 -4.66 -2.08
CA ALA A 13 3.50 -3.98 -2.02
C ALA A 13 4.08 -4.11 -0.63
N VAL A 14 5.33 -4.53 -0.55
CA VAL A 14 5.96 -4.82 0.72
C VAL A 14 6.72 -3.61 1.26
N PRO A 15 6.41 -3.19 2.50
CA PRO A 15 7.17 -2.14 3.19
C PRO A 15 8.66 -2.48 3.25
N CYS A 16 9.51 -1.46 3.18
CA CYS A 16 10.93 -1.69 3.11
C CYS A 16 11.56 -1.76 4.49
N GLU A 17 11.82 -2.99 4.95
CA GLU A 17 12.46 -3.27 6.25
C GLU A 17 12.09 -2.26 7.35
N GLY A 18 10.79 -2.09 7.58
CA GLY A 18 10.35 -1.19 8.64
C GLY A 18 9.86 0.14 8.10
N LEU A 19 10.36 0.51 6.93
CA LEU A 19 9.95 1.74 6.28
C LEU A 19 8.56 1.57 5.65
N ASN A 20 7.57 2.19 6.27
CA ASN A 20 6.20 2.04 5.81
C ASN A 20 5.95 2.91 4.58
N ASN A 21 6.80 3.88 4.40
CA ASN A 21 6.73 4.75 3.23
C ASN A 21 7.75 4.27 2.20
N CYS A 22 7.39 3.24 1.47
CA CYS A 22 8.26 2.67 0.46
C CYS A 22 7.44 1.92 -0.57
N TRP A 23 6.17 2.30 -0.71
CA TRP A 23 5.26 1.67 -1.65
C TRP A 23 4.06 2.57 -1.91
N PHE A 24 4.35 3.76 -2.43
CA PHE A 24 3.33 4.77 -2.79
C PHE A 24 2.71 5.39 -1.53
N VAL A 25 1.85 4.65 -0.85
CA VAL A 25 1.17 5.15 0.33
C VAL A 25 1.26 4.12 1.46
N GLU A 26 1.43 4.61 2.68
CA GLU A 26 1.43 3.76 3.86
C GLU A 26 0.05 3.16 4.05
N ALA A 27 -0.17 2.02 3.41
CA ALA A 27 -1.47 1.35 3.37
C ALA A 27 -2.51 2.25 2.72
N CYS A 28 -2.71 2.04 1.43
CA CYS A 28 -3.58 2.88 0.63
C CYS A 28 -5.02 2.72 1.07
N PRO A 29 -5.72 3.85 1.25
CA PRO A 29 -7.07 3.89 1.82
C PRO A 29 -8.09 3.12 1.00
N PRO A 30 -9.11 2.57 1.68
CA PRO A 30 -10.19 1.81 1.06
C PRO A 30 -11.00 2.63 0.06
N CYS A 31 -11.15 2.09 -1.13
CA CYS A 31 -11.98 2.68 -2.17
C CYS A 31 -12.73 1.58 -2.90
N GLY A 1 -0.37 2.32 -8.48
CA GLY A 1 -0.26 1.33 -7.39
C GLY A 1 -1.46 0.44 -7.31
N CYS A 2 -2.32 0.69 -6.33
CA CYS A 2 -3.53 -0.09 -6.15
C CYS A 2 -4.60 0.40 -7.12
N PRO A 3 -5.61 -0.44 -7.41
CA PRO A 3 -6.66 -0.11 -8.37
C PRO A 3 -7.77 0.71 -7.73
N PRO A 4 -8.62 1.36 -8.55
CA PRO A 4 -9.76 2.15 -8.07
C PRO A 4 -10.68 1.36 -7.15
N CYS A 5 -11.36 2.07 -6.25
CA CYS A 5 -12.30 1.46 -5.32
C CYS A 5 -13.43 0.76 -6.08
N PRO A 6 -14.03 -0.29 -5.49
CA PRO A 6 -13.68 -0.74 -4.13
C PRO A 6 -12.33 -1.46 -4.07
N ARG A 7 -11.65 -1.30 -2.95
CA ARG A 7 -10.37 -1.94 -2.73
C ARG A 7 -10.06 -1.99 -1.24
N GLU A 8 -9.01 -2.71 -0.87
CA GLU A 8 -8.62 -2.82 0.52
C GLU A 8 -7.22 -2.26 0.71
N HIS A 9 -6.23 -2.94 0.13
CA HIS A 9 -4.85 -2.54 0.17
C HIS A 9 -4.00 -3.58 -0.53
N GLU A 10 -3.01 -3.16 -1.28
CA GLU A 10 -2.12 -4.13 -1.90
C GLU A 10 -0.73 -4.00 -1.32
N LEU A 11 -0.26 -5.07 -0.70
CA LEU A 11 1.02 -5.05 -0.01
C LEU A 11 2.13 -5.52 -0.95
N VAL A 12 2.19 -4.92 -2.13
CA VAL A 12 3.23 -5.23 -3.10
C VAL A 12 4.61 -4.84 -2.56
N ALA A 13 4.63 -3.74 -1.82
CA ALA A 13 5.85 -3.28 -1.18
C ALA A 13 5.94 -3.82 0.24
N VAL A 14 7.14 -4.20 0.65
CA VAL A 14 7.34 -4.71 2.00
C VAL A 14 7.84 -3.60 2.93
N PRO A 15 7.03 -3.25 3.94
CA PRO A 15 7.42 -2.24 4.94
C PRO A 15 8.67 -2.65 5.69
N CYS A 16 9.52 -1.69 5.98
CA CYS A 16 10.78 -1.97 6.65
C CYS A 16 10.63 -1.77 8.16
N GLU A 17 10.59 -2.90 8.88
CA GLU A 17 10.41 -2.94 10.35
C GLU A 17 9.29 -1.99 10.82
N GLY A 18 8.20 -1.95 10.05
CA GLY A 18 7.06 -1.15 10.41
C GLY A 18 7.08 0.23 9.79
N LEU A 19 8.23 0.64 9.26
CA LEU A 19 8.35 1.94 8.63
C LEU A 19 7.68 1.94 7.27
N ASN A 20 7.34 3.13 6.79
CA ASN A 20 6.56 3.26 5.56
C ASN A 20 7.33 4.01 4.49
N ASN A 21 8.65 3.91 4.53
CA ASN A 21 9.48 4.55 3.51
C ASN A 21 10.12 3.50 2.60
N CYS A 22 9.43 2.38 2.44
CA CYS A 22 9.88 1.32 1.55
C CYS A 22 8.77 0.94 0.59
N TRP A 23 8.00 1.94 0.19
CA TRP A 23 6.85 1.74 -0.68
C TRP A 23 7.05 2.44 -2.01
N PHE A 24 6.99 1.69 -3.11
CA PHE A 24 7.07 2.28 -4.43
C PHE A 24 5.68 2.64 -4.94
N VAL A 25 4.68 2.30 -4.15
CA VAL A 25 3.29 2.57 -4.49
C VAL A 25 2.64 3.43 -3.43
N GLU A 26 1.53 4.07 -3.78
CA GLU A 26 0.75 4.85 -2.83
C GLU A 26 0.00 3.91 -1.91
N ALA A 27 0.10 4.16 -0.60
CA ALA A 27 -0.62 3.36 0.39
C ALA A 27 -2.12 3.55 0.24
N CYS A 28 -2.74 2.64 -0.50
CA CYS A 28 -4.16 2.72 -0.79
C CYS A 28 -4.99 2.42 0.44
N PRO A 29 -5.83 3.40 0.86
CA PRO A 29 -6.73 3.22 2.00
C PRO A 29 -7.93 2.36 1.62
N PRO A 30 -8.38 1.52 2.55
CA PRO A 30 -9.51 0.61 2.32
C PRO A 30 -10.81 1.38 2.06
N CYS A 31 -11.54 0.95 1.05
CA CYS A 31 -12.80 1.58 0.68
C CYS A 31 -13.84 0.54 0.30
N GLY A 1 2.19 -0.60 -7.63
CA GLY A 1 1.20 0.36 -7.09
C GLY A 1 -0.07 -0.32 -6.63
N CYS A 2 -0.76 0.31 -5.71
CA CYS A 2 -2.02 -0.22 -5.21
C CYS A 2 -3.10 -0.07 -6.26
N PRO A 3 -4.06 -1.00 -6.28
CA PRO A 3 -5.13 -1.00 -7.28
C PRO A 3 -6.19 0.04 -6.94
N PRO A 4 -6.80 0.64 -7.96
CA PRO A 4 -7.87 1.63 -7.76
C PRO A 4 -9.14 0.99 -7.21
N CYS A 5 -10.11 1.80 -6.86
CA CYS A 5 -11.35 1.32 -6.29
C CYS A 5 -12.04 0.34 -7.26
N PRO A 6 -12.71 -0.70 -6.72
CA PRO A 6 -12.80 -0.93 -5.29
C PRO A 6 -11.62 -1.70 -4.72
N ARG A 7 -11.21 -1.36 -3.51
CA ARG A 7 -10.09 -2.04 -2.85
C ARG A 7 -10.25 -2.04 -1.34
N GLU A 8 -9.58 -2.97 -0.68
CA GLU A 8 -9.60 -3.06 0.77
C GLU A 8 -8.28 -2.55 1.36
N HIS A 9 -7.27 -3.41 1.41
CA HIS A 9 -5.97 -3.03 1.94
C HIS A 9 -4.91 -4.07 1.59
N GLU A 10 -4.34 -3.95 0.40
CA GLU A 10 -3.34 -4.91 -0.04
C GLU A 10 -1.94 -4.33 0.09
N LEU A 11 -1.03 -5.12 0.60
CA LEU A 11 0.36 -4.71 0.73
C LEU A 11 1.15 -5.15 -0.49
N VAL A 12 0.74 -4.64 -1.64
CA VAL A 12 1.35 -4.97 -2.93
C VAL A 12 2.87 -4.83 -2.88
N ALA A 13 3.33 -3.83 -2.15
CA ALA A 13 4.74 -3.67 -1.88
C ALA A 13 4.97 -3.77 -0.38
N VAL A 14 6.01 -4.48 0.01
CA VAL A 14 6.27 -4.70 1.43
C VAL A 14 7.00 -3.52 2.06
N PRO A 15 6.48 -3.03 3.21
CA PRO A 15 7.15 -2.02 4.01
C PRO A 15 8.38 -2.60 4.70
N CYS A 16 9.34 -1.77 5.01
CA CYS A 16 10.59 -2.25 5.57
C CYS A 16 10.66 -1.99 7.07
N GLU A 17 10.40 -3.03 7.87
CA GLU A 17 10.46 -2.97 9.34
C GLU A 17 9.87 -1.66 9.91
N GLY A 18 8.70 -1.29 9.41
CA GLY A 18 8.05 -0.07 9.88
C GLY A 18 8.19 1.09 8.91
N LEU A 19 9.20 1.01 8.08
CA LEU A 19 9.48 2.04 7.08
C LEU A 19 8.59 1.85 5.87
N ASN A 20 7.63 2.76 5.70
CA ASN A 20 6.75 2.70 4.54
C ASN A 20 7.30 3.59 3.42
N ASN A 21 8.62 3.69 3.38
CA ASN A 21 9.30 4.50 2.38
C ASN A 21 9.80 3.64 1.24
N CYS A 22 9.57 2.34 1.35
CA CYS A 22 10.04 1.39 0.34
C CYS A 22 9.02 1.24 -0.77
N TRP A 23 7.94 2.00 -0.66
CA TRP A 23 6.88 2.03 -1.66
C TRP A 23 6.22 3.40 -1.65
N PHE A 24 6.00 3.94 -2.84
CA PHE A 24 5.55 5.32 -3.00
C PHE A 24 4.14 5.53 -2.48
N VAL A 25 3.40 4.44 -2.31
CA VAL A 25 2.09 4.52 -1.71
C VAL A 25 2.08 3.83 -0.36
N GLU A 26 2.15 4.63 0.69
CA GLU A 26 2.26 4.10 2.05
C GLU A 26 0.91 3.62 2.56
N ALA A 27 0.58 2.38 2.22
CA ALA A 27 -0.66 1.73 2.65
C ALA A 27 -1.88 2.48 2.14
N CYS A 28 -2.33 2.10 0.95
CA CYS A 28 -3.47 2.74 0.32
C CYS A 28 -4.77 2.37 1.03
N PRO A 29 -5.55 3.39 1.42
CA PRO A 29 -6.80 3.20 2.17
C PRO A 29 -7.89 2.50 1.35
N PRO A 30 -8.80 1.82 2.05
CA PRO A 30 -9.93 1.11 1.41
C PRO A 30 -10.84 2.07 0.65
N CYS A 31 -11.45 1.56 -0.40
CA CYS A 31 -12.31 2.37 -1.25
C CYS A 31 -13.33 1.48 -1.93
N GLY A 1 1.75 2.60 -9.56
CA GLY A 1 0.43 3.27 -9.47
C GLY A 1 -0.58 2.42 -8.73
N CYS A 2 -1.16 2.99 -7.68
CA CYS A 2 -2.11 2.27 -6.85
C CYS A 2 -3.41 2.04 -7.62
N PRO A 3 -4.11 0.94 -7.32
CA PRO A 3 -5.34 0.57 -8.01
C PRO A 3 -6.56 1.26 -7.42
N PRO A 4 -7.57 1.53 -8.27
CA PRO A 4 -8.82 2.17 -7.85
C PRO A 4 -9.73 1.22 -7.08
N CYS A 5 -10.82 1.76 -6.54
CA CYS A 5 -11.78 0.97 -5.79
C CYS A 5 -12.45 -0.07 -6.70
N PRO A 6 -12.89 -1.21 -6.14
CA PRO A 6 -12.72 -1.52 -4.72
C PRO A 6 -11.32 -2.02 -4.39
N ARG A 7 -10.86 -1.69 -3.20
CA ARG A 7 -9.53 -2.10 -2.75
C ARG A 7 -9.48 -2.10 -1.23
N GLU A 8 -8.69 -3.01 -0.67
CA GLU A 8 -8.49 -3.04 0.77
C GLU A 8 -7.14 -2.44 1.12
N HIS A 9 -6.07 -3.16 0.78
CA HIS A 9 -4.72 -2.68 1.00
C HIS A 9 -3.74 -3.67 0.38
N GLU A 10 -2.83 -3.16 -0.43
CA GLU A 10 -1.90 -4.02 -1.15
C GLU A 10 -0.87 -4.60 -0.19
N LEU A 11 -0.64 -5.89 -0.32
CA LEU A 11 0.31 -6.58 0.52
C LEU A 11 1.47 -7.14 -0.29
N VAL A 12 1.53 -6.74 -1.57
CA VAL A 12 2.61 -7.17 -2.46
C VAL A 12 3.96 -6.80 -1.88
N ALA A 13 4.03 -5.63 -1.29
CA ALA A 13 5.24 -5.16 -0.63
C ALA A 13 4.88 -4.61 0.74
N VAL A 14 5.12 -5.41 1.77
CA VAL A 14 4.84 -4.99 3.13
C VAL A 14 5.81 -3.89 3.55
N PRO A 15 5.38 -3.01 4.48
CA PRO A 15 6.20 -1.91 4.98
C PRO A 15 7.61 -2.37 5.39
N CYS A 16 8.61 -1.68 4.85
CA CYS A 16 10.00 -1.99 5.11
C CYS A 16 10.37 -1.62 6.53
N GLU A 17 10.47 -2.63 7.40
CA GLU A 17 10.70 -2.42 8.82
C GLU A 17 9.75 -1.34 9.38
N GLY A 18 8.52 -1.34 8.89
CA GLY A 18 7.54 -0.35 9.33
C GLY A 18 7.40 0.81 8.36
N LEU A 19 8.42 0.99 7.53
CA LEU A 19 8.46 2.08 6.55
C LEU A 19 7.62 1.74 5.32
N ASN A 20 6.52 2.45 5.13
CA ASN A 20 5.63 2.20 4.00
C ASN A 20 6.02 3.06 2.81
N ASN A 21 7.24 3.59 2.83
CA ASN A 21 7.65 4.54 1.81
C ASN A 21 8.50 3.88 0.73
N CYS A 22 8.97 2.67 1.00
CA CYS A 22 9.82 1.97 0.05
C CYS A 22 9.04 1.53 -1.18
N TRP A 23 7.73 1.39 -1.03
CA TRP A 23 6.87 1.03 -2.15
C TRP A 23 6.01 2.21 -2.57
N PHE A 24 6.66 3.38 -2.63
CA PHE A 24 6.06 4.62 -3.12
C PHE A 24 4.97 5.14 -2.18
N VAL A 25 3.78 4.58 -2.31
CA VAL A 25 2.62 5.07 -1.57
C VAL A 25 2.57 4.42 -0.20
N GLU A 26 2.49 5.25 0.83
CA GLU A 26 2.42 4.76 2.21
C GLU A 26 1.03 4.20 2.51
N ALA A 27 0.74 3.03 1.95
CA ALA A 27 -0.50 2.29 2.20
C ALA A 27 -1.73 3.07 1.72
N CYS A 28 -2.31 2.62 0.61
CA CYS A 28 -3.52 3.22 0.08
C CYS A 28 -4.72 2.88 0.96
N PRO A 29 -5.53 3.88 1.32
CA PRO A 29 -6.72 3.69 2.16
C PRO A 29 -7.72 2.69 1.57
N PRO A 30 -8.28 1.80 2.42
CA PRO A 30 -9.33 0.86 2.02
C PRO A 30 -10.55 1.55 1.45
N CYS A 31 -11.14 0.94 0.44
CA CYS A 31 -12.27 1.53 -0.28
C CYS A 31 -13.15 0.42 -0.83
#